data_6B9K
#
_entry.id   6B9K
#
_entity_poly.entity_id   1
_entity_poly.type   'polypeptide(L)'
_entity_poly.pdbx_seq_one_letter_code
;RGPGRAFVTI
;
_entity_poly.pdbx_strand_id   A
#
# COMPACT_ATOMS: atom_id res chain seq x y z
N ARG A 1 11.12 -1.63 3.63
CA ARG A 1 9.99 -1.03 4.32
C ARG A 1 8.77 -0.94 3.41
N GLY A 2 7.59 -0.81 4.01
CA GLY A 2 6.37 -0.72 3.23
C GLY A 2 5.15 -1.14 4.02
N PRO A 3 4.71 -0.28 4.95
CA PRO A 3 3.55 -0.55 5.80
C PRO A 3 2.24 -0.51 5.01
N GLY A 4 2.21 0.31 3.97
CA GLY A 4 1.02 0.43 3.15
C GLY A 4 1.18 -0.23 1.80
N ARG A 5 0.98 -1.54 1.75
CA ARG A 5 1.10 -2.30 0.51
C ARG A 5 -0.25 -2.81 0.05
N ALA A 6 -1.22 -1.92 -0.07
CA ALA A 6 -2.56 -2.28 -0.50
C ALA A 6 -3.08 -1.34 -1.59
N PHE A 7 -2.44 -1.39 -2.75
CA PHE A 7 -2.83 -0.54 -3.88
C PHE A 7 -4.03 -1.12 -4.60
N VAL A 8 -5.15 -1.24 -3.88
CA VAL A 8 -6.37 -1.78 -4.46
C VAL A 8 -7.54 -0.82 -4.26
N THR A 9 -7.91 -0.60 -3.01
CA THR A 9 -9.01 0.30 -2.68
C THR A 9 -8.50 1.68 -2.31
N ILE A 10 -7.38 2.08 -2.91
CA ILE A 10 -6.78 3.38 -2.64
C ILE A 10 -6.72 4.23 -3.91
N ARG A 1 9.89 0.03 6.60
CA ARG A 1 8.62 0.58 6.13
C ARG A 1 8.62 0.73 4.62
N GLY A 2 7.43 0.66 4.02
CA GLY A 2 7.32 0.78 2.58
C GLY A 2 6.12 1.61 2.17
N PRO A 3 5.84 1.66 0.86
CA PRO A 3 4.72 2.42 0.30
C PRO A 3 3.37 1.79 0.65
N GLY A 4 3.31 0.46 0.59
CA GLY A 4 2.07 -0.23 0.90
C GLY A 4 1.73 -1.29 -0.13
N ARG A 5 1.96 -2.55 0.23
CA ARG A 5 1.68 -3.67 -0.67
C ARG A 5 0.18 -3.97 -0.69
N ALA A 6 -0.61 -3.02 -1.16
CA ALA A 6 -2.06 -3.19 -1.24
C ALA A 6 -2.71 -2.03 -1.99
N PHE A 7 -3.14 -2.29 -3.22
CA PHE A 7 -3.78 -1.27 -4.03
C PHE A 7 -5.24 -1.10 -3.64
N VAL A 8 -5.47 -0.74 -2.37
CA VAL A 8 -6.83 -0.55 -1.87
C VAL A 8 -6.95 0.79 -1.14
N THR A 9 -6.27 0.90 -0.01
CA THR A 9 -6.30 2.14 0.78
C THR A 9 -5.12 3.04 0.45
N ILE A 10 -4.65 2.96 -0.79
CA ILE A 10 -3.52 3.77 -1.22
C ILE A 10 -3.98 4.88 -2.15
N ARG A 1 8.65 3.07 5.79
CA ARG A 1 7.37 2.59 6.24
C ARG A 1 7.05 1.22 5.65
N GLY A 2 6.77 1.19 4.35
CA GLY A 2 6.46 -0.05 3.69
C GLY A 2 6.68 0.02 2.19
N PRO A 3 6.67 -1.15 1.53
CA PRO A 3 6.87 -1.24 0.08
C PRO A 3 5.70 -0.68 -0.71
N GLY A 4 4.48 -0.96 -0.24
CA GLY A 4 3.30 -0.46 -0.91
C GLY A 4 2.78 -1.45 -1.95
N ARG A 5 2.32 -2.60 -1.49
CA ARG A 5 1.79 -3.63 -2.38
C ARG A 5 0.33 -3.94 -2.04
N ALA A 6 -0.52 -2.93 -2.12
CA ALA A 6 -1.94 -3.10 -1.83
C ALA A 6 -2.74 -1.87 -2.28
N PHE A 7 -3.39 -1.99 -3.42
CA PHE A 7 -4.19 -0.90 -3.97
C PHE A 7 -5.57 -0.87 -3.32
N VAL A 8 -5.59 -0.69 -1.99
CA VAL A 8 -6.86 -0.64 -1.25
C VAL A 8 -6.96 0.65 -0.46
N THR A 9 -6.12 0.78 0.57
CA THR A 9 -6.13 1.97 1.40
C THR A 9 -5.09 2.98 0.95
N ILE A 10 -4.84 3.01 -0.36
CA ILE A 10 -3.86 3.93 -0.93
C ILE A 10 -4.55 4.98 -1.80
N ARG A 1 8.45 0.87 6.91
CA ARG A 1 8.14 2.11 6.19
C ARG A 1 8.10 1.86 4.68
N GLY A 2 7.68 0.66 4.30
CA GLY A 2 7.60 0.32 2.89
C GLY A 2 6.41 0.96 2.20
N PRO A 3 6.27 0.70 0.90
CA PRO A 3 5.16 1.26 0.10
C PRO A 3 3.82 0.65 0.48
N GLY A 4 3.85 -0.59 0.96
CA GLY A 4 2.62 -1.27 1.35
C GLY A 4 1.95 -1.97 0.18
N ARG A 5 2.04 -3.30 0.17
CA ARG A 5 1.44 -4.10 -0.90
C ARG A 5 -0.07 -4.20 -0.70
N ALA A 6 -0.76 -3.08 -0.78
CA ALA A 6 -2.21 -3.06 -0.63
C ALA A 6 -2.84 -1.99 -1.52
N PHE A 7 -2.76 -2.18 -2.82
CA PHE A 7 -3.32 -1.24 -3.78
C PHE A 7 -4.82 -1.46 -3.94
N VAL A 8 -5.56 -1.22 -2.86
CA VAL A 8 -7.01 -1.39 -2.88
C VAL A 8 -7.72 -0.12 -2.40
N THR A 9 -7.55 0.20 -1.12
CA THR A 9 -8.18 1.38 -0.54
C THR A 9 -7.21 2.56 -0.54
N ILE A 10 -6.36 2.63 -1.55
CA ILE A 10 -5.38 3.71 -1.67
C ILE A 10 -5.43 4.34 -3.06
N ARG A 1 9.60 0.78 6.28
CA ARG A 1 8.29 0.46 5.69
C ARG A 1 8.27 0.82 4.21
N GLY A 2 7.27 0.32 3.50
CA GLY A 2 7.15 0.59 2.08
C GLY A 2 6.14 1.69 1.78
N PRO A 3 5.96 1.99 0.49
CA PRO A 3 5.03 3.04 0.05
C PRO A 3 3.57 2.64 0.27
N GLY A 4 3.28 1.35 0.11
CA GLY A 4 1.93 0.86 0.29
C GLY A 4 1.66 -0.41 -0.49
N ARG A 5 2.01 -1.54 0.10
CA ARG A 5 1.81 -2.84 -0.54
C ARG A 5 0.35 -3.29 -0.43
N ALA A 6 -0.54 -2.54 -1.06
CA ALA A 6 -1.97 -2.86 -1.01
C ALA A 6 -2.76 -1.94 -1.94
N PHE A 7 -3.21 -2.48 -3.07
CA PHE A 7 -3.98 -1.71 -4.03
C PHE A 7 -5.44 -1.61 -3.61
N VAL A 8 -5.67 -1.02 -2.44
CA VAL A 8 -7.02 -0.87 -1.92
C VAL A 8 -7.28 0.57 -1.48
N THR A 9 -6.58 1.00 -0.44
CA THR A 9 -6.73 2.35 0.08
C THR A 9 -5.65 3.28 -0.48
N ILE A 10 -5.16 2.96 -1.67
CA ILE A 10 -4.12 3.76 -2.31
C ILE A 10 -4.64 4.38 -3.61
N ARG A 1 3.84 0.44 6.68
CA ARG A 1 5.20 0.80 6.25
C ARG A 1 5.27 0.91 4.72
N GLY A 2 6.01 1.91 4.25
CA GLY A 2 6.14 2.11 2.81
C GLY A 2 5.10 3.08 2.27
N PRO A 3 5.13 3.29 0.95
CA PRO A 3 4.21 4.20 0.27
C PRO A 3 2.78 3.66 0.25
N GLY A 4 2.64 2.35 0.43
CA GLY A 4 1.34 1.73 0.43
C GLY A 4 1.34 0.35 -0.18
N ARG A 5 1.72 -0.65 0.62
CA ARG A 5 1.77 -2.03 0.15
C ARG A 5 0.37 -2.66 0.14
N ALA A 6 -0.51 -2.08 -0.67
CA ALA A 6 -1.88 -2.59 -0.78
C ALA A 6 -2.64 -1.87 -1.88
N PHE A 7 -2.86 -2.56 -2.99
CA PHE A 7 -3.58 -1.98 -4.12
C PHE A 7 -5.09 -2.08 -3.91
N VAL A 8 -5.57 -1.48 -2.82
CA VAL A 8 -7.00 -1.48 -2.51
C VAL A 8 -7.51 -0.08 -2.25
N THR A 9 -7.08 0.51 -1.14
CA THR A 9 -7.50 1.86 -0.77
C THR A 9 -6.49 2.90 -1.24
N ILE A 10 -5.83 2.62 -2.36
CA ILE A 10 -4.83 3.53 -2.91
C ILE A 10 -5.28 4.07 -4.26
N ARG A 1 6.91 -2.61 6.57
CA ARG A 1 5.97 -1.73 5.90
C ARG A 1 5.91 -2.04 4.41
N GLY A 2 4.72 -1.94 3.83
CA GLY A 2 4.55 -2.20 2.42
C GLY A 2 3.70 -1.15 1.72
N PRO A 3 4.23 0.08 1.63
CA PRO A 3 3.53 1.19 1.00
C PRO A 3 3.42 1.02 -0.52
N GLY A 4 4.43 0.39 -1.11
CA GLY A 4 4.43 0.17 -2.55
C GLY A 4 3.52 -0.97 -2.96
N ARG A 5 3.24 -1.87 -2.02
CA ARG A 5 2.39 -3.02 -2.29
C ARG A 5 1.15 -2.99 -1.40
N ALA A 6 0.42 -1.87 -1.43
CA ALA A 6 -0.79 -1.73 -0.62
C ALA A 6 -1.93 -1.19 -1.46
N PHE A 7 -2.41 -2.00 -2.40
CA PHE A 7 -3.51 -1.60 -3.27
C PHE A 7 -4.85 -1.81 -2.57
N VAL A 8 -5.08 -1.05 -1.51
CA VAL A 8 -6.33 -1.15 -0.76
C VAL A 8 -6.97 0.21 -0.56
N THR A 9 -6.31 1.07 0.21
CA THR A 9 -6.81 2.41 0.47
C THR A 9 -6.18 3.43 -0.46
N ILE A 10 -5.87 2.99 -1.69
CA ILE A 10 -5.27 3.86 -2.68
C ILE A 10 -6.19 4.04 -3.88
N ARG A 1 4.09 -0.14 6.68
CA ARG A 1 5.25 0.73 6.48
C ARG A 1 5.50 0.96 4.98
N GLY A 2 6.21 2.03 4.67
CA GLY A 2 6.51 2.35 3.29
C GLY A 2 5.45 3.22 2.64
N PRO A 3 5.54 3.40 1.31
CA PRO A 3 4.59 4.21 0.56
C PRO A 3 3.21 3.56 0.46
N GLY A 4 3.20 2.23 0.43
CA GLY A 4 1.94 1.50 0.35
C GLY A 4 2.09 0.17 -0.35
N ARG A 5 1.74 -0.90 0.35
CA ARG A 5 1.83 -2.25 -0.22
C ARG A 5 0.45 -2.91 -0.29
N ALA A 6 -0.47 -2.25 -0.99
CA ALA A 6 -1.82 -2.78 -1.14
C ALA A 6 -2.63 -1.92 -2.11
N PHE A 7 -2.85 -2.45 -3.31
CA PHE A 7 -3.60 -1.74 -4.34
C PHE A 7 -5.10 -1.88 -4.10
N VAL A 8 -5.56 -1.45 -2.93
CA VAL A 8 -6.97 -1.53 -2.59
C VAL A 8 -7.50 -0.18 -2.13
N THR A 9 -7.05 0.28 -0.97
CA THR A 9 -7.47 1.56 -0.43
C THR A 9 -6.49 2.67 -0.78
N ILE A 10 -5.83 2.52 -1.92
CA ILE A 10 -4.87 3.52 -2.38
C ILE A 10 -5.21 4.02 -3.78
N ARG A 1 5.25 2.52 4.15
CA ARG A 1 4.87 1.13 4.36
C ARG A 1 5.32 0.27 3.18
N GLY A 2 6.63 0.19 2.97
CA GLY A 2 7.16 -0.61 1.87
C GLY A 2 7.37 0.21 0.61
N PRO A 3 7.74 -0.47 -0.48
CA PRO A 3 8.00 0.18 -1.77
C PRO A 3 6.71 0.71 -2.41
N GLY A 4 5.61 0.00 -2.19
CA GLY A 4 4.34 0.40 -2.75
C GLY A 4 3.37 -0.75 -2.89
N ARG A 5 3.28 -1.59 -1.86
CA ARG A 5 2.39 -2.73 -1.86
C ARG A 5 1.24 -2.55 -0.87
N ALA A 6 0.49 -1.46 -1.03
CA ALA A 6 -0.63 -1.17 -0.16
C ALA A 6 -1.85 -0.74 -0.95
N PHE A 7 -2.26 -1.57 -1.90
CA PHE A 7 -3.43 -1.29 -2.73
C PHE A 7 -4.72 -1.58 -1.98
N VAL A 8 -4.96 -0.82 -0.91
CA VAL A 8 -6.17 -1.00 -0.10
C VAL A 8 -6.86 0.34 0.16
N THR A 9 -6.14 1.24 0.83
CA THR A 9 -6.69 2.55 1.15
C THR A 9 -6.24 3.60 0.12
N ILE A 10 -6.03 3.15 -1.11
CA ILE A 10 -5.61 4.04 -2.18
C ILE A 10 -6.68 4.15 -3.26
N ARG A 1 2.57 1.26 5.82
CA ARG A 1 3.94 1.68 5.57
C ARG A 1 4.55 0.89 4.43
N GLY A 2 5.20 1.59 3.50
CA GLY A 2 5.81 0.94 2.36
C GLY A 2 5.71 1.77 1.10
N PRO A 3 6.29 1.25 0.00
CA PRO A 3 6.27 1.93 -1.30
C PRO A 3 4.88 1.95 -1.92
N GLY A 4 4.16 0.85 -1.81
CA GLY A 4 2.82 0.76 -2.36
C GLY A 4 2.45 -0.65 -2.75
N ARG A 5 2.51 -1.58 -1.81
CA ARG A 5 2.18 -2.97 -2.07
C ARG A 5 0.83 -3.33 -1.46
N ALA A 6 -0.19 -2.56 -1.81
CA ALA A 6 -1.54 -2.81 -1.30
C ALA A 6 -2.56 -1.90 -1.99
N PHE A 7 -3.34 -2.48 -2.89
CA PHE A 7 -4.36 -1.74 -3.63
C PHE A 7 -5.60 -1.52 -2.77
N VAL A 8 -5.42 -0.86 -1.63
CA VAL A 8 -6.53 -0.59 -0.72
C VAL A 8 -6.53 0.88 -0.28
N THR A 9 -5.49 1.27 0.45
CA THR A 9 -5.38 2.64 0.92
C THR A 9 -4.52 3.48 -0.02
N ILE A 10 -4.51 3.12 -1.29
CA ILE A 10 -3.74 3.84 -2.29
C ILE A 10 -4.65 4.48 -3.34
N ARG A 1 4.91 4.90 3.49
CA ARG A 1 5.54 3.93 4.37
C ARG A 1 5.19 2.51 3.96
N GLY A 2 5.90 1.99 2.98
CA GLY A 2 5.65 0.64 2.51
C GLY A 2 6.41 0.31 1.23
N PRO A 3 6.46 -0.98 0.89
CA PRO A 3 7.16 -1.46 -0.31
C PRO A 3 6.45 -1.05 -1.60
N GLY A 4 5.12 -0.99 -1.53
CA GLY A 4 4.33 -0.61 -2.70
C GLY A 4 3.16 -1.54 -2.94
N ARG A 5 3.33 -2.79 -2.55
CA ARG A 5 2.28 -3.79 -2.73
C ARG A 5 1.19 -3.63 -1.67
N ALA A 6 0.54 -2.48 -1.67
CA ALA A 6 -0.52 -2.20 -0.70
C ALA A 6 -1.63 -1.36 -1.33
N PHE A 7 -2.28 -1.91 -2.36
CA PHE A 7 -3.36 -1.21 -3.05
C PHE A 7 -4.67 -1.36 -2.29
N VAL A 8 -4.71 -0.84 -1.08
CA VAL A 8 -5.91 -0.92 -0.24
C VAL A 8 -6.30 0.46 0.27
N THR A 9 -5.40 1.09 1.03
CA THR A 9 -5.66 2.41 1.59
C THR A 9 -5.00 3.49 0.75
N ILE A 10 -4.90 3.25 -0.55
CA ILE A 10 -4.29 4.21 -1.46
C ILE A 10 -5.30 4.69 -2.51
N ARG A 1 10.68 1.10 4.76
CA ARG A 1 10.15 0.48 5.96
C ARG A 1 8.63 0.37 5.90
N GLY A 2 8.10 0.26 4.68
CA GLY A 2 6.67 0.16 4.50
C GLY A 2 6.15 1.07 3.42
N PRO A 3 6.42 0.69 2.15
CA PRO A 3 5.99 1.47 0.99
C PRO A 3 4.48 1.42 0.79
N GLY A 4 3.87 0.31 1.20
CA GLY A 4 2.43 0.15 1.06
C GLY A 4 2.06 -0.73 -0.12
N ARG A 5 1.53 -1.91 0.18
CA ARG A 5 1.14 -2.86 -0.85
C ARG A 5 -0.34 -3.19 -0.74
N ALA A 6 -1.19 -2.17 -0.77
CA ALA A 6 -2.63 -2.36 -0.67
C ALA A 6 -3.37 -1.54 -1.73
N PHE A 7 -3.06 -1.80 -2.99
CA PHE A 7 -3.69 -1.10 -4.09
C PHE A 7 -5.06 -1.69 -4.41
N VAL A 8 -5.97 -1.62 -3.44
CA VAL A 8 -7.32 -2.15 -3.62
C VAL A 8 -8.37 -1.06 -3.41
N THR A 9 -8.44 -0.54 -2.18
CA THR A 9 -9.40 0.51 -1.85
C THR A 9 -8.75 1.89 -1.91
N ILE A 10 -7.78 2.04 -2.81
CA ILE A 10 -7.08 3.31 -2.96
C ILE A 10 -7.41 3.95 -4.31
N ARG A 1 8.38 2.10 7.12
CA ARG A 1 7.37 2.40 6.12
C ARG A 1 7.60 1.62 4.83
N GLY A 2 7.10 0.39 4.80
CA GLY A 2 7.26 -0.46 3.64
C GLY A 2 6.57 0.10 2.41
N PRO A 3 6.70 -0.60 1.28
CA PRO A 3 6.10 -0.18 0.01
C PRO A 3 4.57 -0.32 0.03
N GLY A 4 4.07 -1.18 0.91
CA GLY A 4 2.64 -1.38 1.01
C GLY A 4 2.08 -2.16 -0.17
N ARG A 5 2.05 -3.49 -0.04
CA ARG A 5 1.54 -4.34 -1.10
C ARG A 5 0.01 -4.39 -1.08
N ALA A 6 -0.61 -3.23 -1.22
CA ALA A 6 -2.07 -3.14 -1.22
C ALA A 6 -2.53 -1.74 -1.58
N PHE A 7 -2.50 -1.40 -2.86
CA PHE A 7 -2.91 -0.09 -3.33
C PHE A 7 -4.43 0.00 -3.42
N VAL A 8 -5.11 -0.23 -2.30
CA VAL A 8 -6.57 -0.18 -2.26
C VAL A 8 -7.05 0.74 -1.14
N THR A 9 -6.83 0.31 0.10
CA THR A 9 -7.25 1.10 1.26
C THR A 9 -6.10 1.96 1.79
N ILE A 10 -5.23 2.38 0.88
CA ILE A 10 -4.08 3.20 1.26
C ILE A 10 -4.17 4.59 0.62
N ARG A 1 10.92 1.01 6.06
CA ARG A 1 9.52 0.96 5.66
C ARG A 1 9.39 0.53 4.21
N GLY A 2 8.48 -0.40 3.95
CA GLY A 2 8.26 -0.89 2.60
C GLY A 2 7.72 0.20 1.67
N PRO A 3 7.69 -0.10 0.37
CA PRO A 3 7.21 0.84 -0.64
C PRO A 3 5.70 1.04 -0.56
N GLY A 4 5.00 0.06 0.00
CA GLY A 4 3.56 0.16 0.13
C GLY A 4 2.82 -0.80 -0.80
N ARG A 5 2.46 -1.97 -0.27
CA ARG A 5 1.76 -2.97 -1.05
C ARG A 5 0.32 -3.11 -0.58
N ALA A 6 -0.42 -2.00 -0.55
CA ALA A 6 -1.80 -1.99 -0.13
C ALA A 6 -2.68 -1.20 -1.09
N PHE A 7 -2.70 -1.62 -2.35
CA PHE A 7 -3.48 -0.95 -3.37
C PHE A 7 -4.95 -1.39 -3.30
N VAL A 8 -5.61 -1.06 -2.19
CA VAL A 8 -7.00 -1.42 -2.01
C VAL A 8 -7.82 -0.22 -1.51
N THR A 9 -7.42 0.32 -0.37
CA THR A 9 -8.10 1.47 0.22
C THR A 9 -7.38 2.77 -0.12
N ILE A 10 -6.67 2.78 -1.24
CA ILE A 10 -5.94 3.96 -1.67
C ILE A 10 -6.57 4.59 -2.91
N ARG A 1 2.27 1.47 5.87
CA ARG A 1 3.10 1.93 4.76
C ARG A 1 4.51 1.38 4.89
N GLY A 2 4.63 0.07 5.08
CA GLY A 2 5.94 -0.55 5.22
C GLY A 2 6.47 -1.08 3.91
N PRO A 3 5.89 -2.20 3.43
CA PRO A 3 6.30 -2.83 2.18
C PRO A 3 5.90 -2.00 0.96
N GLY A 4 4.69 -1.48 0.98
CA GLY A 4 4.21 -0.67 -0.13
C GLY A 4 3.44 -1.49 -1.15
N ARG A 5 3.65 -2.80 -1.14
CA ARG A 5 2.97 -3.69 -2.07
C ARG A 5 1.54 -3.97 -1.62
N ALA A 6 0.71 -2.94 -1.60
CA ALA A 6 -0.68 -3.07 -1.18
C ALA A 6 -1.45 -1.78 -1.41
N PHE A 7 -2.28 -1.76 -2.45
CA PHE A 7 -3.07 -0.58 -2.78
C PHE A 7 -4.31 -0.49 -1.89
N VAL A 8 -4.08 -0.41 -0.59
CA VAL A 8 -5.18 -0.32 0.38
C VAL A 8 -4.98 0.86 1.33
N THR A 9 -3.96 0.75 2.18
CA THR A 9 -3.67 1.81 3.14
C THR A 9 -2.58 2.74 2.61
N ILE A 10 -2.54 2.91 1.30
CA ILE A 10 -1.56 3.78 0.67
C ILE A 10 -2.22 5.02 0.07
N ARG A 1 9.10 3.36 4.54
CA ARG A 1 8.85 2.45 5.66
C ARG A 1 7.39 2.01 5.68
N GLY A 2 6.91 1.53 4.53
CA GLY A 2 5.52 1.08 4.44
C GLY A 2 4.67 1.98 3.57
N PRO A 3 4.91 1.91 2.24
CA PRO A 3 4.18 2.71 1.27
C PRO A 3 2.72 2.28 1.14
N GLY A 4 2.49 0.98 1.13
CA GLY A 4 1.14 0.45 1.00
C GLY A 4 1.06 -0.73 0.08
N ARG A 5 1.37 -1.92 0.59
CA ARG A 5 1.34 -3.14 -0.20
C ARG A 5 -0.09 -3.66 -0.33
N ALA A 6 -0.93 -2.89 -1.03
CA ALA A 6 -2.32 -3.28 -1.24
C ALA A 6 -3.01 -2.33 -2.22
N PHE A 7 -3.19 -2.79 -3.45
CA PHE A 7 -3.83 -1.98 -4.48
C PHE A 7 -5.35 -1.99 -4.30
N VAL A 8 -5.80 -1.49 -3.15
CA VAL A 8 -7.23 -1.44 -2.85
C VAL A 8 -7.64 -0.04 -2.38
N THR A 9 -7.19 0.33 -1.19
CA THR A 9 -7.50 1.63 -0.62
C THR A 9 -6.40 2.63 -0.90
N ILE A 10 -5.70 2.45 -2.02
CA ILE A 10 -4.62 3.34 -2.40
C ILE A 10 -4.90 4.02 -3.75
N ARG A 1 2.95 0.54 6.05
CA ARG A 1 4.28 1.09 5.82
C ARG A 1 4.69 0.92 4.35
N GLY A 2 5.78 1.57 3.98
CA GLY A 2 6.26 1.49 2.60
C GLY A 2 5.61 2.50 1.69
N PRO A 3 5.91 2.41 0.39
CA PRO A 3 5.35 3.32 -0.61
C PRO A 3 3.86 3.11 -0.84
N GLY A 4 3.39 1.89 -0.55
CA GLY A 4 1.98 1.58 -0.73
C GLY A 4 1.77 0.16 -1.21
N ARG A 5 2.25 -0.80 -0.43
CA ARG A 5 2.10 -2.21 -0.79
C ARG A 5 0.70 -2.71 -0.44
N ALA A 6 -0.31 -2.11 -1.07
CA ALA A 6 -1.69 -2.50 -0.83
C ALA A 6 -2.64 -1.80 -1.80
N PHE A 7 -3.12 -2.55 -2.78
CA PHE A 7 -4.03 -2.00 -3.78
C PHE A 7 -5.46 -1.91 -3.23
N VAL A 8 -5.62 -1.16 -2.16
CA VAL A 8 -6.93 -1.00 -1.53
C VAL A 8 -7.23 0.48 -1.28
N THR A 9 -6.47 1.09 -0.39
CA THR A 9 -6.66 2.50 -0.07
C THR A 9 -5.71 3.38 -0.86
N ILE A 10 -5.34 2.92 -2.05
CA ILE A 10 -4.43 3.67 -2.91
C ILE A 10 -5.08 3.98 -4.25
N ARG A 1 9.89 2.33 6.58
CA ARG A 1 8.62 1.68 6.30
C ARG A 1 8.75 0.72 5.11
N GLY A 2 7.75 -0.15 4.95
CA GLY A 2 7.78 -1.10 3.86
C GLY A 2 7.43 -0.47 2.53
N PRO A 3 7.43 -1.29 1.46
CA PRO A 3 7.12 -0.82 0.10
C PRO A 3 5.65 -0.46 -0.05
N GLY A 4 4.79 -1.11 0.74
CA GLY A 4 3.37 -0.84 0.67
C GLY A 4 2.73 -1.45 -0.57
N ARG A 5 2.18 -2.65 -0.43
CA ARG A 5 1.54 -3.33 -1.54
C ARG A 5 0.06 -3.56 -1.26
N ALA A 6 -0.65 -2.48 -0.94
CA ALA A 6 -2.09 -2.56 -0.65
C ALA A 6 -2.86 -1.49 -1.40
N PHE A 7 -2.75 -1.50 -2.72
CA PHE A 7 -3.44 -0.53 -3.55
C PHE A 7 -4.91 -0.92 -3.75
N VAL A 8 -5.65 -0.95 -2.64
CA VAL A 8 -7.06 -1.32 -2.68
C VAL A 8 -7.91 -0.25 -2.01
N THR A 9 -7.69 -0.05 -0.71
CA THR A 9 -8.45 0.94 0.05
C THR A 9 -7.67 2.24 0.17
N ILE A 10 -6.88 2.56 -0.84
CA ILE A 10 -6.08 3.78 -0.85
C ILE A 10 -6.63 4.79 -1.85
N ARG A 1 2.36 -0.20 6.16
CA ARG A 1 2.97 0.54 5.05
C ARG A 1 4.04 -0.30 4.37
N GLY A 2 3.80 -0.65 3.10
CA GLY A 2 4.76 -1.45 2.36
C GLY A 2 5.56 -0.62 1.38
N PRO A 3 6.47 -1.28 0.66
CA PRO A 3 7.32 -0.62 -0.34
C PRO A 3 6.54 -0.16 -1.56
N GLY A 4 5.37 -0.77 -1.78
CA GLY A 4 4.54 -0.41 -2.91
C GLY A 4 3.35 -1.34 -3.07
N ARG A 5 3.55 -2.61 -2.75
CA ARG A 5 2.48 -3.60 -2.87
C ARG A 5 1.50 -3.48 -1.71
N ALA A 6 0.88 -2.31 -1.58
CA ALA A 6 -0.08 -2.06 -0.51
C ALA A 6 -1.25 -1.21 -1.00
N PHE A 7 -1.93 -1.69 -2.04
CA PHE A 7 -3.06 -0.98 -2.61
C PHE A 7 -4.33 -1.21 -1.78
N VAL A 8 -4.29 -0.78 -0.52
CA VAL A 8 -5.43 -0.95 0.37
C VAL A 8 -5.76 0.37 1.08
N THR A 9 -4.75 0.97 1.71
CA THR A 9 -4.93 2.21 2.43
C THR A 9 -4.43 3.40 1.61
N ILE A 10 -4.47 3.26 0.29
CA ILE A 10 -4.01 4.32 -0.60
C ILE A 10 -5.17 4.87 -1.43
N ARG A 1 5.97 0.49 6.67
CA ARG A 1 4.98 1.54 6.90
C ARG A 1 4.30 1.96 5.60
N GLY A 2 4.26 1.04 4.64
CA GLY A 2 3.64 1.34 3.36
C GLY A 2 4.66 1.50 2.25
N PRO A 3 5.30 0.39 1.86
CA PRO A 3 6.30 0.39 0.80
C PRO A 3 5.70 0.63 -0.58
N GLY A 4 4.47 0.17 -0.78
CA GLY A 4 3.79 0.36 -2.05
C GLY A 4 2.85 -0.78 -2.37
N ARG A 5 3.13 -1.97 -1.84
CA ARG A 5 2.29 -3.13 -2.08
C ARG A 5 1.04 -3.08 -1.22
N ALA A 6 0.20 -2.06 -1.45
CA ALA A 6 -1.03 -1.90 -0.70
C ALA A 6 -2.12 -1.30 -1.57
N PHE A 7 -2.40 -1.94 -2.69
CA PHE A 7 -3.43 -1.47 -3.61
C PHE A 7 -4.83 -1.85 -3.12
N VAL A 8 -5.21 -1.31 -1.96
CA VAL A 8 -6.51 -1.59 -1.38
C VAL A 8 -7.27 -0.30 -1.07
N THR A 9 -6.73 0.49 -0.15
CA THR A 9 -7.36 1.75 0.23
C THR A 9 -6.75 2.92 -0.54
N ILE A 10 -6.33 2.66 -1.78
CA ILE A 10 -5.74 3.69 -2.62
C ILE A 10 -6.60 3.95 -3.85
#